data_9D1J
#
_entry.id   9D1J
#
_cell.length_a   59.572
_cell.length_b   92.559
_cell.length_c   106.076
_cell.angle_alpha   90.00
_cell.angle_beta   90.00
_cell.angle_gamma   90.00
#
_symmetry.space_group_name_H-M   'P 21 21 21'
#
loop_
_entity.id
_entity.type
_entity.pdbx_description
1 polymer 'Carboxylic ester hydrolase'
2 water water
#
_entity_poly.entity_id   1
_entity_poly.type   'polypeptide(L)'
_entity_poly.pdbx_seq_one_letter_code
;MNFKVSQVEKLKWKIKCFENKFLNYRLSTNETAVAETEYGKVKGIKRLTVYDDSYYSFEGIPYAQPPLGELRFKAPQRPT
PWDGVRDCCNNKDKSVQVDFITGKTCGSEDCLYLSVYTNNLAPETKRPVLVYIHGGGFVIGENHREYYGPDYFI(MLY)
(MLY)DVVLITIQYRLGVLGFLSLNSEELNVPGNAGLKDQVMALRWIKNNCANFGGNPDNITVFGE(SEP)AGGASAHYM
MLTEQTRGLFHRGILMSGNAVCPWAISQNQHRAYAIAKLNGYKGENNDKDVLEFLMKAKAHDLIKLEDKVLTPEEHVNKV
MFAFGPTVEPYQTADCVLPKHPREMVKTAWGNSIPTMMGNTSYEGLLFTPIVKQMPALLKELETCANFVPTELADSERSS
AETLELGAKIKKAHVTGETPTNDNFLDLCSHFYFWFPMHRLLQIRFKHTSGTPVYLYRFDFDSEEIINPYRIMRHGRGVK
GVSHADELTYLFWNALA(MLY)RLPKESREYKTIERMVGIWTQFATTGNPYSNEIDGLENIIWDPIKKSDEVYKCLNISD
ELKIIDVPEME(MLZ)IKQWESLYE(MLY)RKDLF
;
_entity_poly.pdbx_strand_id   A
#
# COMPACT_ATOMS: atom_id res chain seq x y z
N ASN A 2 -11.09 -12.33 -12.10
CA ASN A 2 -11.72 -11.94 -10.85
C ASN A 2 -11.39 -12.93 -9.73
N PHE A 3 -10.84 -12.41 -8.64
CA PHE A 3 -10.30 -13.22 -7.56
C PHE A 3 -11.38 -14.02 -6.82
N LYS A 4 -11.66 -15.24 -7.29
CA LYS A 4 -12.58 -16.15 -6.61
C LYS A 4 -11.77 -17.16 -5.83
N VAL A 5 -11.92 -17.15 -4.51
CA VAL A 5 -11.20 -18.07 -3.64
C VAL A 5 -12.02 -19.35 -3.50
N SER A 6 -11.34 -20.49 -3.60
CA SER A 6 -12.03 -21.77 -3.55
C SER A 6 -12.79 -21.95 -2.24
N GLN A 7 -13.82 -22.79 -2.30
CA GLN A 7 -14.60 -23.07 -1.11
C GLN A 7 -13.80 -23.89 -0.09
N VAL A 8 -12.98 -24.84 -0.58
CA VAL A 8 -12.04 -25.54 0.29
C VAL A 8 -11.18 -24.55 1.07
N GLU A 9 -10.73 -23.48 0.39
CA GLU A 9 -9.87 -22.50 1.05
C GLU A 9 -10.64 -21.58 1.97
N LYS A 10 -11.91 -21.29 1.67
CA LYS A 10 -12.75 -20.51 2.58
C LYS A 10 -12.87 -21.22 3.93
N LEU A 11 -13.03 -22.55 3.93
CA LEU A 11 -13.13 -23.27 5.20
C LEU A 11 -11.82 -23.26 5.97
N LYS A 12 -10.70 -23.48 5.27
CA LYS A 12 -9.39 -23.47 5.92
C LYS A 12 -9.12 -22.12 6.58
N TRP A 13 -9.41 -21.04 5.88
CA TRP A 13 -9.17 -19.71 6.44
C TRP A 13 -9.99 -19.50 7.71
N LYS A 14 -11.28 -19.85 7.67
CA LYS A 14 -12.14 -19.71 8.83
C LYS A 14 -11.66 -20.58 10.00
N ILE A 15 -11.09 -21.75 9.71
CA ILE A 15 -10.55 -22.56 10.79
C ILE A 15 -9.33 -21.88 11.41
N LYS A 16 -8.40 -21.44 10.55
CA LYS A 16 -7.18 -20.80 11.04
C LYS A 16 -7.50 -19.55 11.86
N CYS A 17 -8.49 -18.76 11.42
CA CYS A 17 -8.85 -17.56 12.16
C CYS A 17 -9.43 -17.91 13.52
N PHE A 18 -10.14 -19.04 13.61
CA PHE A 18 -10.68 -19.49 14.90
C PHE A 18 -9.57 -19.93 15.84
N GLU A 19 -8.65 -20.78 15.36
CA GLU A 19 -7.47 -21.11 16.16
C GLU A 19 -6.70 -19.85 16.56
N ASN A 20 -6.61 -18.87 15.66
CA ASN A 20 -5.85 -17.65 15.94
C ASN A 20 -6.50 -16.83 17.05
N LYS A 21 -7.83 -16.78 17.08
CA LYS A 21 -8.51 -16.08 18.17
C LYS A 21 -8.11 -16.67 19.52
N PHE A 22 -7.97 -17.99 19.60
CA PHE A 22 -7.67 -18.62 20.89
C PHE A 22 -6.20 -18.52 21.26
N LEU A 23 -5.31 -18.60 20.27
CA LEU A 23 -3.92 -18.25 20.50
C LEU A 23 -3.81 -16.85 21.10
N ASN A 24 -4.56 -15.89 20.55
CA ASN A 24 -4.47 -14.52 21.05
C ASN A 24 -4.90 -14.44 22.51
N TYR A 25 -5.90 -15.23 22.89
CA TYR A 25 -6.25 -15.33 24.31
C TYR A 25 -5.05 -15.81 25.13
N ARG A 26 -4.36 -16.85 24.66
CA ARG A 26 -3.24 -17.38 25.44
C ARG A 26 -2.04 -16.43 25.43
N LEU A 27 -1.97 -15.52 24.47
CA LEU A 27 -0.88 -14.55 24.41
C LEU A 27 -1.15 -13.29 25.23
N SER A 28 -2.40 -12.96 25.52
CA SER A 28 -2.67 -11.73 26.26
C SER A 28 -2.36 -11.94 27.74
N THR A 29 -1.76 -10.92 28.36
CA THR A 29 -1.47 -10.97 29.79
C THR A 29 -2.57 -10.27 30.56
N ASN A 30 -2.44 -10.24 31.88
CA ASN A 30 -3.37 -9.46 32.69
C ASN A 30 -2.90 -8.03 32.93
N GLU A 31 -1.77 -7.64 32.34
CA GLU A 31 -1.15 -6.36 32.65
C GLU A 31 -1.61 -5.31 31.65
N THR A 32 -1.90 -4.11 32.16
CA THR A 32 -2.35 -3.03 31.32
C THR A 32 -1.58 -1.76 31.63
N ALA A 33 -1.80 -0.76 30.78
CA ALA A 33 -1.05 0.48 30.84
C ALA A 33 -1.91 1.61 30.29
N VAL A 34 -1.82 2.76 30.91
CA VAL A 34 -2.50 3.97 30.46
C VAL A 34 -1.46 4.92 29.88
N ALA A 35 -1.77 5.49 28.71
CA ALA A 35 -0.95 6.51 28.09
C ALA A 35 -1.82 7.73 27.79
N GLU A 36 -1.17 8.89 27.63
CA GLU A 36 -1.87 10.12 27.29
C GLU A 36 -1.96 10.28 25.79
N THR A 37 -3.05 10.91 25.34
CA THR A 37 -3.12 11.50 24.00
C THR A 37 -3.67 12.91 24.11
N GLU A 38 -3.55 13.68 23.01
CA GLU A 38 -4.08 15.04 23.04
C GLU A 38 -5.59 15.08 23.24
N TYR A 39 -6.30 13.96 23.06
CA TYR A 39 -7.74 13.94 23.25
C TYR A 39 -8.17 13.25 24.54
N GLY A 40 -7.25 12.64 25.29
CA GLY A 40 -7.62 11.93 26.49
C GLY A 40 -6.81 10.66 26.68
N LYS A 41 -6.98 10.03 27.84
CA LYS A 41 -6.19 8.86 28.19
C LYS A 41 -6.69 7.63 27.43
N VAL A 42 -5.77 6.69 27.17
CA VAL A 42 -6.11 5.42 26.52
C VAL A 42 -5.42 4.29 27.28
N LYS A 43 -6.10 3.16 27.40
CA LYS A 43 -5.57 1.99 28.10
C LYS A 43 -5.19 0.91 27.10
N GLY A 44 -3.98 0.37 27.24
CA GLY A 44 -3.50 -0.70 26.39
C GLY A 44 -3.17 -1.92 27.24
N ILE A 45 -2.86 -3.03 26.55
CA ILE A 45 -2.65 -4.33 27.19
C ILE A 45 -1.31 -4.91 26.75
N LYS A 46 -0.62 -5.58 27.68
CA LYS A 46 0.64 -6.24 27.38
C LYS A 46 0.36 -7.62 26.80
N ARG A 47 0.96 -7.92 25.64
CA ARG A 47 0.76 -9.19 24.97
C ARG A 47 2.09 -9.91 24.78
N LEU A 48 2.03 -11.23 24.64
CA LEU A 48 3.21 -12.02 24.30
C LEU A 48 3.24 -12.31 22.80
N THR A 49 4.40 -12.75 22.33
CA THR A 49 4.58 -13.32 21.00
C THR A 49 4.90 -14.80 21.13
N VAL A 50 4.81 -15.55 20.04
CA VAL A 50 5.15 -16.97 20.16
C VAL A 50 6.63 -17.14 20.46
N TYR A 51 7.46 -16.11 20.21
CA TYR A 51 8.86 -16.15 20.58
C TYR A 51 9.12 -15.74 22.02
N ASP A 52 8.05 -15.48 22.78
CA ASP A 52 8.13 -15.07 24.18
C ASP A 52 8.79 -13.70 24.36
N ASP A 53 8.74 -12.84 23.35
CA ASP A 53 8.87 -11.41 23.64
C ASP A 53 7.51 -10.84 24.01
N SER A 54 7.52 -9.61 24.49
CA SER A 54 6.29 -8.97 24.96
C SER A 54 6.27 -7.52 24.47
N TYR A 55 5.05 -6.96 24.44
CA TYR A 55 4.88 -5.61 23.93
C TYR A 55 3.57 -5.03 24.45
N TYR A 56 3.52 -3.71 24.54
CA TYR A 56 2.28 -3.02 24.89
C TYR A 56 1.52 -2.70 23.62
N SER A 57 0.19 -2.84 23.69
CA SER A 57 -0.66 -2.88 22.51
C SER A 57 -1.83 -1.94 22.74
N PHE A 58 -1.91 -0.88 21.94
CA PHE A 58 -3.02 0.07 21.97
C PHE A 58 -3.65 0.07 20.59
N GLU A 59 -4.86 -0.45 20.47
CA GLU A 59 -5.56 -0.50 19.19
C GLU A 59 -6.87 0.28 19.30
N GLY A 60 -7.36 0.74 18.16
CA GLY A 60 -8.56 1.56 18.16
C GLY A 60 -8.38 2.93 18.75
N ILE A 61 -7.21 3.54 18.58
CA ILE A 61 -7.05 4.93 18.99
C ILE A 61 -7.69 5.80 17.92
N PRO A 62 -8.70 6.59 18.24
CA PRO A 62 -9.31 7.48 17.24
C PRO A 62 -8.37 8.62 16.89
N TYR A 63 -8.24 8.90 15.59
CA TYR A 63 -7.53 10.11 15.15
C TYR A 63 -8.45 11.06 14.40
N ALA A 64 -9.68 10.67 14.13
CA ALA A 64 -10.65 11.56 13.51
C ALA A 64 -12.04 11.24 14.07
N GLN A 65 -12.97 12.16 13.83
CA GLN A 65 -14.38 11.91 14.10
C GLN A 65 -14.88 10.81 13.18
N PRO A 66 -15.69 9.87 13.66
CA PRO A 66 -16.22 8.82 12.78
C PRO A 66 -16.99 9.43 11.63
N PRO A 67 -16.65 9.06 10.38
CA PRO A 67 -17.24 9.78 9.23
C PRO A 67 -18.64 9.27 8.87
N LEU A 68 -19.57 9.42 9.81
CA LEU A 68 -20.95 9.01 9.65
C LEU A 68 -21.81 10.21 9.25
N GLY A 69 -23.01 9.91 8.76
CA GLY A 69 -24.00 10.94 8.52
C GLY A 69 -23.54 11.95 7.49
N GLU A 70 -23.67 13.24 7.84
CA GLU A 70 -23.24 14.31 6.96
C GLU A 70 -21.72 14.32 6.75
N LEU A 71 -20.96 13.70 7.66
CA LEU A 71 -19.51 13.62 7.47
C LEU A 71 -19.10 12.60 6.42
N ARG A 72 -20.03 11.83 5.87
CA ARG A 72 -19.70 10.86 4.83
C ARG A 72 -19.23 11.57 3.57
N PHE A 73 -18.12 11.09 3.00
CA PHE A 73 -17.48 11.62 1.80
C PHE A 73 -16.70 12.90 2.07
N LYS A 74 -16.83 13.49 3.25
CA LYS A 74 -16.09 14.72 3.53
C LYS A 74 -14.69 14.41 4.08
N ALA A 75 -13.82 15.41 3.99
CA ALA A 75 -12.53 15.39 4.65
C ALA A 75 -12.70 15.10 6.14
N PRO A 76 -11.77 14.37 6.75
CA PRO A 76 -11.92 14.02 8.17
C PRO A 76 -11.88 15.27 9.05
N GLN A 77 -12.53 15.16 10.20
CA GLN A 77 -12.48 16.19 11.22
C GLN A 77 -11.91 15.60 12.50
N ARG A 78 -11.31 16.46 13.32
CA ARG A 78 -10.68 15.98 14.55
C ARG A 78 -11.72 15.46 15.53
N PRO A 79 -11.38 14.46 16.34
CA PRO A 79 -12.36 13.86 17.25
C PRO A 79 -12.60 14.70 18.50
N THR A 80 -13.67 14.36 19.18
CA THR A 80 -14.06 15.01 20.41
C THR A 80 -13.22 14.47 21.57
N PRO A 81 -12.64 15.33 22.42
CA PRO A 81 -11.87 14.84 23.55
C PRO A 81 -12.77 14.12 24.54
N TRP A 82 -12.16 13.37 25.44
CA TRP A 82 -12.90 12.62 26.45
C TRP A 82 -12.19 12.68 27.78
N ASP A 83 -12.95 12.55 28.86
CA ASP A 83 -12.41 12.31 30.19
C ASP A 83 -12.39 10.80 30.47
N GLY A 84 -11.75 10.44 31.57
CA GLY A 84 -11.57 9.03 31.89
C GLY A 84 -10.63 8.37 30.90
N VAL A 85 -10.50 7.06 31.06
CA VAL A 85 -9.56 6.23 30.30
C VAL A 85 -10.32 5.51 29.22
N ARG A 86 -9.92 5.69 27.97
CA ARG A 86 -10.54 5.00 26.85
C ARG A 86 -9.89 3.62 26.65
N ASP A 87 -10.74 2.61 26.52
CA ASP A 87 -10.25 1.25 26.40
C ASP A 87 -9.74 1.00 24.98
N CYS A 88 -8.47 0.68 24.85
CA CYS A 88 -7.85 0.38 23.57
C CYS A 88 -7.21 -1.01 23.58
N CYS A 89 -7.87 -1.97 24.24
CA CYS A 89 -7.38 -3.34 24.35
C CYS A 89 -7.93 -4.26 23.29
N ASN A 90 -8.78 -3.77 22.40
CA ASN A 90 -9.29 -4.55 21.29
C ASN A 90 -9.24 -3.72 20.03
N ASN A 91 -9.31 -4.39 18.89
CA ASN A 91 -9.33 -3.73 17.61
C ASN A 91 -10.70 -3.14 17.35
N LYS A 92 -10.75 -2.24 16.37
CA LYS A 92 -11.99 -1.68 15.86
C LYS A 92 -12.26 -2.29 14.48
N ASP A 93 -13.34 -1.86 13.85
CA ASP A 93 -13.69 -2.42 12.57
C ASP A 93 -12.76 -1.89 11.47
N LYS A 94 -12.71 -2.63 10.37
CA LYS A 94 -12.04 -2.15 9.18
C LYS A 94 -12.99 -1.29 8.34
N SER A 95 -12.42 -0.52 7.43
CA SER A 95 -13.22 0.28 6.50
C SER A 95 -14.10 -0.63 5.66
N VAL A 96 -15.28 -0.12 5.27
CA VAL A 96 -16.23 -0.95 4.53
C VAL A 96 -15.57 -1.46 3.24
N GLN A 97 -15.69 -2.76 2.99
CA GLN A 97 -15.03 -3.40 1.86
C GLN A 97 -15.66 -4.76 1.61
N VAL A 98 -15.25 -5.37 0.48
CA VAL A 98 -15.55 -6.76 0.20
C VAL A 98 -14.37 -7.60 0.70
N ASP A 99 -14.64 -8.52 1.63
CA ASP A 99 -13.60 -9.41 2.16
C ASP A 99 -13.01 -10.22 1.02
N PHE A 100 -11.70 -10.10 0.81
CA PHE A 100 -11.08 -10.71 -0.37
C PHE A 100 -11.07 -12.23 -0.31
N ILE A 101 -11.36 -12.85 0.83
CA ILE A 101 -11.44 -14.31 0.94
C ILE A 101 -12.88 -14.81 0.88
N THR A 102 -13.74 -14.26 1.74
CA THR A 102 -15.11 -14.74 1.83
C THR A 102 -16.01 -14.15 0.76
N GLY A 103 -15.62 -13.02 0.17
CA GLY A 103 -16.43 -12.37 -0.84
C GLY A 103 -17.64 -11.64 -0.31
N LYS A 104 -17.84 -11.59 1.00
CA LYS A 104 -18.96 -10.88 1.60
C LYS A 104 -18.51 -9.50 2.06
N THR A 105 -19.43 -8.54 2.02
CA THR A 105 -19.09 -7.21 2.50
C THR A 105 -18.88 -7.25 4.01
N CYS A 106 -17.92 -6.47 4.49
CA CYS A 106 -17.60 -6.42 5.90
C CYS A 106 -17.14 -5.02 6.23
N GLY A 107 -16.77 -4.81 7.48
CA GLY A 107 -16.27 -3.51 7.87
C GLY A 107 -17.39 -2.55 8.24
N SER A 108 -17.00 -1.30 8.46
CA SER A 108 -17.92 -0.30 8.99
C SER A 108 -17.40 1.10 8.67
N GLU A 109 -18.33 2.05 8.53
CA GLU A 109 -17.92 3.42 8.29
C GLU A 109 -17.10 3.97 9.45
N ASP A 110 -17.24 3.39 10.65
CA ASP A 110 -16.51 3.82 11.85
C ASP A 110 -15.16 3.11 11.85
N CYS A 111 -14.23 3.63 11.04
CA CYS A 111 -12.95 2.92 10.85
C CYS A 111 -11.71 3.78 10.97
N LEU A 112 -11.82 5.05 11.40
CA LEU A 112 -10.66 5.94 11.38
C LEU A 112 -9.90 5.81 12.69
N TYR A 113 -9.08 4.75 12.76
CA TYR A 113 -8.36 4.36 13.97
C TYR A 113 -6.91 4.02 13.64
N LEU A 114 -6.06 4.09 14.65
CA LEU A 114 -4.69 3.62 14.49
C LEU A 114 -4.29 2.83 15.72
N SER A 115 -3.26 2.00 15.54
CA SER A 115 -2.75 1.13 16.60
C SER A 115 -1.29 1.48 16.88
N VAL A 116 -0.92 1.43 18.16
CA VAL A 116 0.43 1.76 18.61
C VAL A 116 0.98 0.59 19.41
N TYR A 117 2.22 0.17 19.11
CA TYR A 117 2.84 -1.00 19.72
C TYR A 117 4.30 -0.72 20.07
N THR A 118 4.74 -1.15 21.26
CA THR A 118 6.14 -0.99 21.66
C THR A 118 6.45 -1.94 22.81
N ASN A 119 7.72 -2.36 22.89
CA ASN A 119 8.05 -3.33 23.92
C ASN A 119 8.35 -2.70 25.27
N ASN A 120 8.22 -1.38 25.38
CA ASN A 120 8.67 -0.66 26.57
C ASN A 120 8.09 0.74 26.53
N LEU A 121 7.30 1.10 27.53
CA LEU A 121 6.69 2.41 27.57
C LEU A 121 7.55 3.48 28.23
N ALA A 122 8.71 3.13 28.78
CA ALA A 122 9.62 4.11 29.37
C ALA A 122 11.04 3.78 28.93
N PRO A 123 11.33 3.91 27.64
CA PRO A 123 12.62 3.45 27.12
C PRO A 123 13.77 4.37 27.51
N GLU A 124 14.99 3.83 27.39
CA GLU A 124 16.19 4.61 27.66
C GLU A 124 16.58 5.53 26.51
N THR A 125 15.87 5.46 25.38
CA THR A 125 15.99 6.44 24.31
C THR A 125 14.60 6.80 23.81
N LYS A 126 14.52 7.89 23.05
CA LYS A 126 13.31 8.20 22.29
C LYS A 126 13.44 7.53 20.94
N ARG A 127 12.57 6.60 20.68
CA ARG A 127 12.87 5.59 19.67
C ARG A 127 12.35 6.02 18.32
N PRO A 128 12.97 5.50 17.25
CA PRO A 128 12.40 5.74 15.91
C PRO A 128 10.96 5.24 15.87
N VAL A 129 10.11 5.99 15.16
CA VAL A 129 8.71 5.64 15.01
C VAL A 129 8.50 5.17 13.58
N LEU A 130 8.01 3.94 13.41
CA LEU A 130 7.67 3.40 12.10
C LEU A 130 6.15 3.42 11.91
N VAL A 131 5.70 4.04 10.82
CA VAL A 131 4.27 4.19 10.53
C VAL A 131 3.95 3.40 9.27
N TYR A 132 3.14 2.34 9.40
CA TYR A 132 2.83 1.49 8.27
C TYR A 132 1.47 1.85 7.67
N ILE A 133 1.42 1.99 6.35
CA ILE A 133 0.19 2.22 5.60
C ILE A 133 -0.09 0.99 4.75
N HIS A 134 -1.17 0.27 5.05
CA HIS A 134 -1.40 -1.01 4.39
C HIS A 134 -1.84 -0.77 2.94
N GLY A 135 -1.56 -1.75 2.09
CA GLY A 135 -2.02 -1.75 0.71
C GLY A 135 -3.39 -2.40 0.55
N GLY A 136 -3.69 -2.76 -0.70
CA GLY A 136 -4.98 -3.30 -1.05
C GLY A 136 -5.77 -2.48 -2.06
N GLY A 137 -5.09 -1.86 -3.01
CA GLY A 137 -5.73 -1.14 -4.10
C GLY A 137 -6.64 0.02 -3.68
N PHE A 138 -6.47 0.55 -2.47
CA PHE A 138 -7.37 1.56 -1.89
C PHE A 138 -8.81 1.08 -1.76
N VAL A 139 -9.02 -0.25 -1.86
CA VAL A 139 -10.36 -0.83 -1.72
C VAL A 139 -10.45 -1.91 -0.66
N ILE A 140 -9.35 -2.52 -0.20
CA ILE A 140 -9.41 -3.55 0.84
C ILE A 140 -8.29 -3.30 1.82
N GLY A 141 -8.37 -3.95 2.98
CA GLY A 141 -7.31 -3.95 3.95
C GLY A 141 -7.75 -3.37 5.29
N GLU A 142 -6.83 -3.46 6.25
CA GLU A 142 -7.11 -3.19 7.66
C GLU A 142 -5.78 -3.13 8.41
N ASN A 143 -5.84 -2.74 9.68
CA ASN A 143 -4.67 -2.81 10.55
C ASN A 143 -4.82 -3.88 11.64
N HIS A 144 -5.71 -4.85 11.43
CA HIS A 144 -5.93 -5.93 12.38
C HIS A 144 -4.68 -6.81 12.49
N ARG A 145 -4.45 -7.34 13.68
CA ARG A 145 -3.22 -8.09 13.92
C ARG A 145 -3.24 -9.47 13.28
N GLU A 146 -4.41 -9.96 12.84
CA GLU A 146 -4.40 -11.20 12.07
C GLU A 146 -3.80 -11.00 10.68
N TYR A 147 -3.57 -9.74 10.25
CA TYR A 147 -2.84 -9.44 9.03
C TYR A 147 -1.53 -8.72 9.27
N TYR A 148 -1.48 -7.78 10.23
CA TYR A 148 -0.32 -6.91 10.40
C TYR A 148 0.09 -6.92 11.88
N GLY A 149 0.57 -8.05 12.35
CA GLY A 149 0.99 -8.16 13.73
C GLY A 149 2.35 -7.55 13.97
N PRO A 150 2.53 -6.90 15.12
CA PRO A 150 3.79 -6.23 15.43
C PRO A 150 4.85 -7.13 16.04
N ASP A 151 4.57 -8.44 16.13
CA ASP A 151 5.36 -9.35 16.95
C ASP A 151 6.82 -9.40 16.54
N TYR A 152 7.12 -9.15 15.26
CA TYR A 152 8.51 -9.20 14.82
C TYR A 152 9.19 -7.87 15.09
N PHE A 153 8.50 -6.76 14.80
CA PHE A 153 9.12 -5.46 14.93
C PHE A 153 9.48 -5.15 16.38
N ILE A 154 8.66 -5.60 17.33
CA ILE A 154 8.86 -5.20 18.71
C ILE A 154 10.03 -5.93 19.36
N ASP A 157 13.98 -1.96 19.58
CA ASP A 157 13.54 -0.82 20.40
C ASP A 157 13.02 0.32 19.53
N VAL A 158 11.86 0.07 18.94
CA VAL A 158 11.18 1.01 18.07
C VAL A 158 9.73 1.12 18.51
N VAL A 159 9.01 2.03 17.88
CA VAL A 159 7.57 2.19 18.05
C VAL A 159 6.93 1.93 16.70
N LEU A 160 6.05 0.95 16.64
CA LEU A 160 5.33 0.62 15.41
C LEU A 160 3.92 1.15 15.52
N ILE A 161 3.48 1.86 14.50
CA ILE A 161 2.13 2.39 14.43
C ILE A 161 1.54 1.94 13.10
N THR A 162 0.34 1.37 13.15
CA THR A 162 -0.35 0.98 11.94
C THR A 162 -1.69 1.68 11.90
N ILE A 163 -2.08 2.15 10.72
CA ILE A 163 -3.23 3.05 10.59
C ILE A 163 -4.25 2.45 9.65
N GLN A 164 -5.49 2.89 9.80
CA GLN A 164 -6.56 2.67 8.84
C GLN A 164 -6.96 4.00 8.20
N TYR A 165 -7.60 3.93 7.03
CA TYR A 165 -8.06 5.09 6.28
C TYR A 165 -9.22 4.62 5.41
N ARG A 166 -10.14 5.53 5.07
CA ARG A 166 -11.32 5.12 4.31
C ARG A 166 -10.92 4.56 2.94
N LEU A 167 -11.66 3.53 2.49
CA LEU A 167 -11.38 2.81 1.26
C LEU A 167 -12.50 2.99 0.26
N GLY A 168 -12.20 2.65 -1.00
CA GLY A 168 -13.24 2.59 -2.02
C GLY A 168 -14.01 3.88 -2.17
N VAL A 169 -15.29 3.74 -2.52
CA VAL A 169 -16.13 4.89 -2.80
C VAL A 169 -16.27 5.78 -1.58
N LEU A 170 -16.27 5.20 -0.38
CA LEU A 170 -16.44 6.03 0.81
C LEU A 170 -15.21 6.87 1.07
N GLY A 171 -14.05 6.43 0.60
CA GLY A 171 -12.84 7.22 0.77
C GLY A 171 -12.51 8.12 -0.41
N PHE A 172 -13.11 7.89 -1.58
CA PHE A 172 -12.55 8.50 -2.77
C PHE A 172 -13.59 9.02 -3.76
N LEU A 173 -14.82 9.25 -3.32
CA LEU A 173 -15.78 9.95 -4.16
C LEU A 173 -15.23 11.33 -4.50
N SER A 174 -15.48 11.77 -5.73
CA SER A 174 -15.01 13.06 -6.21
C SER A 174 -16.10 13.69 -7.06
N LEU A 175 -16.43 14.94 -6.77
CA LEU A 175 -17.48 15.66 -7.48
C LEU A 175 -16.96 17.00 -7.93
N ASN A 176 -17.23 17.37 -9.18
CA ASN A 176 -16.75 18.64 -9.69
C ASN A 176 -17.40 19.84 -8.99
N SER A 177 -18.69 19.74 -8.66
CA SER A 177 -19.39 20.92 -8.11
C SER A 177 -18.74 21.40 -6.83
N GLU A 178 -18.06 22.55 -6.89
CA GLU A 178 -17.31 23.06 -5.74
C GLU A 178 -18.19 23.28 -4.51
N GLU A 179 -19.46 23.63 -4.71
CA GLU A 179 -20.36 23.91 -3.60
C GLU A 179 -20.62 22.68 -2.73
N LEU A 180 -20.39 21.48 -3.27
CA LEU A 180 -20.66 20.26 -2.52
C LEU A 180 -19.52 19.88 -1.58
N ASN A 181 -18.30 20.37 -1.83
CA ASN A 181 -17.17 20.17 -0.93
C ASN A 181 -16.83 18.68 -0.79
N VAL A 182 -16.89 17.95 -1.90
CA VAL A 182 -16.40 16.57 -2.00
C VAL A 182 -15.37 16.56 -3.12
N PRO A 183 -14.19 17.16 -2.91
CA PRO A 183 -13.21 17.23 -4.00
C PRO A 183 -12.53 15.90 -4.32
N GLY A 184 -12.53 14.96 -3.37
CA GLY A 184 -11.87 13.68 -3.58
C GLY A 184 -10.78 13.44 -2.55
N ASN A 185 -10.24 12.21 -2.60
CA ASN A 185 -9.08 11.82 -1.80
C ASN A 185 -9.33 11.92 -0.31
N ALA A 186 -10.59 11.82 0.15
CA ALA A 186 -10.83 11.79 1.59
C ALA A 186 -9.96 10.74 2.28
N GLY A 187 -9.74 9.59 1.63
CA GLY A 187 -8.95 8.53 2.25
C GLY A 187 -7.50 8.92 2.45
N LEU A 188 -6.93 9.69 1.52
CA LEU A 188 -5.58 10.23 1.73
C LEU A 188 -5.58 11.33 2.78
N LYS A 189 -6.68 12.08 2.89
CA LYS A 189 -6.77 13.10 3.94
C LYS A 189 -6.86 12.46 5.32
N ASP A 190 -7.45 11.28 5.41
CA ASP A 190 -7.40 10.50 6.64
C ASP A 190 -5.95 10.19 7.01
N GLN A 191 -5.14 9.76 6.04
CA GLN A 191 -3.74 9.47 6.33
C GLN A 191 -3.02 10.72 6.80
N VAL A 192 -3.33 11.87 6.19
CA VAL A 192 -2.73 13.13 6.61
C VAL A 192 -3.05 13.40 8.07
N MET A 193 -4.33 13.25 8.45
CA MET A 193 -4.68 13.52 9.84
C MET A 193 -4.05 12.50 10.78
N ALA A 194 -3.90 11.25 10.34
CA ALA A 194 -3.20 10.27 11.16
C ALA A 194 -1.74 10.67 11.35
N LEU A 195 -1.08 11.10 10.26
CA LEU A 195 0.32 11.50 10.38
C LEU A 195 0.51 12.69 11.30
N ARG A 196 -0.41 13.67 11.26
CA ARG A 196 -0.35 14.79 12.20
C ARG A 196 -0.57 14.31 13.64
N TRP A 197 -1.48 13.37 13.85
CA TRP A 197 -1.64 12.82 15.20
C TRP A 197 -0.36 12.18 15.68
N ILE A 198 0.34 11.46 14.82
CA ILE A 198 1.53 10.75 15.24
C ILE A 198 2.63 11.74 15.64
N LYS A 199 2.88 12.74 14.81
CA LYS A 199 3.88 13.74 15.16
C LYS A 199 3.57 14.34 16.52
N ASN A 200 2.29 14.58 16.79
CA ASN A 200 1.88 15.26 18.00
C ASN A 200 1.78 14.36 19.23
N ASN A 201 1.73 13.03 19.07
CA ASN A 201 1.48 12.14 20.18
C ASN A 201 2.51 11.03 20.40
N CYS A 202 3.36 10.71 19.42
CA CYS A 202 4.21 9.52 19.54
C CYS A 202 5.12 9.59 20.76
N ALA A 203 5.51 10.80 21.17
CA ALA A 203 6.30 10.97 22.39
C ALA A 203 5.61 10.38 23.60
N ASN A 204 4.28 10.41 23.64
CA ASN A 204 3.56 9.82 24.76
C ASN A 204 3.69 8.30 24.82
N PHE A 205 4.28 7.68 23.80
CA PHE A 205 4.52 6.24 23.81
C PHE A 205 6.00 5.92 23.74
N GLY A 206 6.87 6.91 23.98
CA GLY A 206 8.30 6.69 23.94
C GLY A 206 8.94 6.93 22.59
N GLY A 207 8.21 7.48 21.61
CA GLY A 207 8.74 7.66 20.27
C GLY A 207 9.40 9.02 20.07
N ASN A 208 10.20 9.11 19.01
CA ASN A 208 10.91 10.33 18.68
C ASN A 208 10.12 11.11 17.64
N PRO A 209 9.45 12.22 17.98
CA PRO A 209 8.71 12.96 16.97
C PRO A 209 9.61 13.53 15.89
N ASP A 210 10.91 13.63 16.12
CA ASP A 210 11.85 14.07 15.10
C ASP A 210 12.51 12.92 14.34
N ASN A 211 11.98 11.69 14.45
CA ASN A 211 12.56 10.58 13.69
C ASN A 211 11.48 9.54 13.36
N ILE A 212 10.57 9.92 12.47
CA ILE A 212 9.42 9.10 12.08
C ILE A 212 9.66 8.60 10.65
N THR A 213 9.44 7.31 10.45
CA THR A 213 9.56 6.66 9.15
C THR A 213 8.16 6.23 8.69
N VAL A 214 7.79 6.59 7.46
CA VAL A 214 6.51 6.14 6.89
C VAL A 214 6.80 5.09 5.83
N PHE A 215 6.16 3.93 5.93
CA PHE A 215 6.36 2.90 4.91
C PHE A 215 5.05 2.21 4.60
N GLY A 216 4.94 1.68 3.39
CA GLY A 216 3.77 0.92 3.02
C GLY A 216 4.04 0.09 1.79
N GLU A 217 3.16 -0.89 1.58
CA GLU A 217 3.32 -1.84 0.49
C GLU A 217 2.15 -1.74 -0.48
N ALA A 219 -0.59 -0.34 -2.66
CA ALA A 219 -1.27 0.95 -2.55
C ALA A 219 -0.78 1.70 -1.31
N GLY A 220 -0.25 0.96 -0.34
CA GLY A 220 0.34 1.60 0.82
C GLY A 220 1.65 2.30 0.50
N GLY A 221 2.42 1.77 -0.45
CA GLY A 221 3.59 2.50 -0.93
C GLY A 221 3.21 3.68 -1.81
N ALA A 222 2.18 3.53 -2.63
CA ALA A 222 1.64 4.69 -3.31
C ALA A 222 1.21 5.75 -2.29
N SER A 223 0.52 5.32 -1.22
CA SER A 223 0.10 6.23 -0.16
C SER A 223 1.28 6.88 0.51
N ALA A 224 2.29 6.09 0.87
CA ALA A 224 3.48 6.65 1.52
C ALA A 224 4.12 7.69 0.61
N HIS A 225 4.14 7.43 -0.69
CA HIS A 225 4.71 8.40 -1.61
C HIS A 225 3.85 9.65 -1.68
N TYR A 226 2.53 9.49 -1.83
CA TYR A 226 1.65 10.64 -1.77
C TYR A 226 1.91 11.46 -0.52
N MET A 227 2.16 10.79 0.61
CA MET A 227 2.43 11.52 1.83
C MET A 227 3.77 12.25 1.78
N MET A 228 4.67 11.84 0.88
CA MET A 228 5.92 12.56 0.67
C MET A 228 5.81 13.65 -0.39
N LEU A 229 4.71 13.67 -1.14
CA LEU A 229 4.52 14.62 -2.23
C LEU A 229 3.72 15.84 -1.81
N THR A 230 2.70 15.69 -0.96
CA THR A 230 1.73 16.75 -0.71
C THR A 230 2.29 17.79 0.26
N GLU A 231 1.94 19.07 0.02
CA GLU A 231 2.35 20.10 0.98
C GLU A 231 1.63 19.96 2.33
N GLN A 232 0.47 19.30 2.39
CA GLN A 232 -0.20 19.13 3.68
C GLN A 232 0.71 18.50 4.74
N THR A 233 1.70 17.69 4.33
CA THR A 233 2.50 16.91 5.28
C THR A 233 3.94 17.38 5.40
N ARG A 234 4.30 18.53 4.81
CA ARG A 234 5.69 18.99 4.84
C ARG A 234 6.27 18.93 6.25
N GLY A 235 7.42 18.27 6.38
CA GLY A 235 8.14 18.19 7.64
C GLY A 235 7.59 17.19 8.65
N LEU A 236 6.57 16.41 8.34
CA LEU A 236 5.94 15.58 9.36
C LEU A 236 6.71 14.30 9.67
N PHE A 237 7.57 13.84 8.76
CA PHE A 237 8.33 12.63 9.02
C PHE A 237 9.66 12.74 8.28
N HIS A 238 10.52 11.72 8.46
CA HIS A 238 11.94 11.88 8.16
C HIS A 238 12.55 10.77 7.31
N ARG A 239 11.82 9.69 7.02
CA ARG A 239 12.27 8.66 6.09
C ARG A 239 11.04 8.08 5.42
N GLY A 240 11.22 7.60 4.21
CA GLY A 240 10.15 6.88 3.52
C GLY A 240 10.66 5.56 2.98
N ILE A 241 9.81 4.54 3.02
CA ILE A 241 10.10 3.26 2.37
C ILE A 241 8.95 2.93 1.45
N LEU A 242 9.21 2.87 0.16
CA LEU A 242 8.18 2.63 -0.85
C LEU A 242 8.34 1.20 -1.33
N MET A 243 7.46 0.31 -0.86
CA MET A 243 7.55 -1.11 -1.17
C MET A 243 6.55 -1.44 -2.27
N SER A 244 7.05 -1.82 -3.45
CA SER A 244 6.20 -2.34 -4.53
C SER A 244 5.07 -1.39 -4.90
N GLY A 245 5.42 -0.11 -5.04
CA GLY A 245 4.44 0.86 -5.48
C GLY A 245 4.80 2.28 -5.10
N ASN A 246 4.38 3.25 -5.91
CA ASN A 246 4.65 4.66 -5.68
C ASN A 246 3.54 5.46 -6.38
N ALA A 247 3.60 6.80 -6.24
CA ALA A 247 2.49 7.62 -6.71
C ALA A 247 2.43 7.80 -8.23
N VAL A 248 3.48 7.47 -8.98
CA VAL A 248 3.37 7.52 -10.44
C VAL A 248 3.04 6.15 -11.02
N CYS A 249 2.59 5.21 -10.20
CA CYS A 249 2.07 3.97 -10.74
C CYS A 249 0.76 4.24 -11.47
N PRO A 250 0.55 3.62 -12.64
CA PRO A 250 -0.68 3.92 -13.40
C PRO A 250 -1.95 3.63 -12.61
N TRP A 251 -1.96 2.55 -11.83
CA TRP A 251 -3.14 2.11 -11.11
C TRP A 251 -3.46 2.97 -9.89
N ALA A 252 -2.60 3.93 -9.53
CA ALA A 252 -2.72 4.65 -8.27
C ALA A 252 -3.39 6.02 -8.40
N ILE A 253 -3.89 6.38 -9.59
CA ILE A 253 -4.61 7.64 -9.75
C ILE A 253 -5.54 7.51 -10.95
N SER A 254 -6.66 8.23 -10.89
CA SER A 254 -7.67 8.20 -11.95
C SER A 254 -8.55 9.44 -11.80
N GLN A 255 -9.03 9.95 -12.93
CA GLN A 255 -10.02 11.03 -12.92
C GLN A 255 -11.40 10.38 -12.86
N ASN A 256 -11.95 10.24 -11.65
CA ASN A 256 -13.16 9.45 -11.42
C ASN A 256 -14.40 10.30 -11.17
N GLN A 257 -14.38 11.58 -11.55
CA GLN A 257 -15.46 12.48 -11.19
C GLN A 257 -16.79 12.09 -11.83
N HIS A 258 -16.75 11.38 -12.95
CA HIS A 258 -17.98 11.00 -13.63
C HIS A 258 -18.57 9.70 -13.10
N ARG A 259 -17.85 8.97 -12.26
CA ARG A 259 -18.29 7.65 -11.86
C ARG A 259 -19.27 7.68 -10.69
N ALA A 260 -19.42 8.83 -10.03
CA ALA A 260 -20.40 8.93 -8.94
C ALA A 260 -21.82 8.65 -9.46
N TYR A 261 -22.13 9.15 -10.65
CA TYR A 261 -23.43 8.85 -11.24
C TYR A 261 -23.52 7.39 -11.65
N ALA A 262 -22.40 6.80 -12.10
CA ALA A 262 -22.42 5.40 -12.52
C ALA A 262 -22.72 4.47 -11.35
N ILE A 263 -22.16 4.77 -10.17
CA ILE A 263 -22.41 3.89 -9.03
C ILE A 263 -23.80 4.13 -8.45
N ALA A 264 -24.31 5.36 -8.46
CA ALA A 264 -25.63 5.64 -7.91
C ALA A 264 -26.71 4.93 -8.72
N LYS A 265 -26.56 4.94 -10.05
CA LYS A 265 -27.58 4.33 -10.90
C LYS A 265 -27.60 2.81 -10.75
N LEU A 266 -26.43 2.19 -10.54
CA LEU A 266 -26.40 0.77 -10.23
C LEU A 266 -27.06 0.46 -8.89
N ASN A 267 -27.17 1.44 -8.00
CA ASN A 267 -27.82 1.28 -6.71
C ASN A 267 -29.29 1.71 -6.72
N GLY A 268 -29.84 2.07 -7.89
CA GLY A 268 -31.27 2.34 -8.01
C GLY A 268 -31.64 3.80 -8.25
N TYR A 269 -30.67 4.71 -8.28
CA TYR A 269 -30.96 6.14 -8.43
C TYR A 269 -31.59 6.42 -9.79
N LYS A 270 -32.78 7.01 -9.79
CA LYS A 270 -33.51 7.29 -11.02
C LYS A 270 -33.69 8.79 -11.23
N GLY A 271 -32.65 9.57 -10.94
CA GLY A 271 -32.66 11.00 -11.18
C GLY A 271 -31.68 11.38 -12.28
N GLU A 272 -31.58 12.70 -12.49
CA GLU A 272 -30.71 13.21 -13.54
C GLU A 272 -29.26 13.21 -13.09
N ASN A 273 -28.37 13.47 -14.05
CA ASN A 273 -26.93 13.49 -13.80
C ASN A 273 -26.49 14.91 -13.44
N ASN A 274 -26.81 15.31 -12.21
CA ASN A 274 -26.28 16.50 -11.57
C ASN A 274 -25.57 16.10 -10.28
N ASP A 275 -24.51 16.81 -9.96
CA ASP A 275 -23.69 16.43 -8.81
C ASP A 275 -24.50 16.52 -7.52
N LYS A 276 -25.31 17.57 -7.36
CA LYS A 276 -26.08 17.72 -6.13
C LYS A 276 -27.12 16.61 -5.99
N ASP A 277 -27.81 16.28 -7.08
CA ASP A 277 -28.83 15.23 -7.03
C ASP A 277 -28.18 13.86 -6.84
N VAL A 278 -27.03 13.62 -7.48
CA VAL A 278 -26.36 12.33 -7.30
C VAL A 278 -25.85 12.19 -5.87
N LEU A 279 -25.34 13.28 -5.30
CA LEU A 279 -24.76 13.21 -3.96
C LEU A 279 -25.84 12.96 -2.92
N GLU A 280 -26.98 13.62 -3.07
CA GLU A 280 -28.08 13.43 -2.12
C GLU A 280 -28.47 11.96 -2.04
N PHE A 281 -28.54 11.28 -3.18
CA PHE A 281 -28.84 9.86 -3.17
C PHE A 281 -27.76 9.06 -2.46
N LEU A 282 -26.49 9.36 -2.76
CA LEU A 282 -25.40 8.57 -2.17
C LEU A 282 -25.29 8.79 -0.66
N MET A 283 -25.67 9.98 -0.19
CA MET A 283 -25.66 10.25 1.25
C MET A 283 -26.71 9.43 1.99
N LYS A 284 -27.79 9.04 1.31
CA LYS A 284 -28.83 8.24 1.92
C LYS A 284 -28.60 6.73 1.77
N ALA A 285 -27.70 6.31 0.89
CA ALA A 285 -27.53 4.89 0.59
C ALA A 285 -26.89 4.14 1.75
N LYS A 286 -27.29 2.88 1.92
CA LYS A 286 -26.62 2.04 2.89
C LYS A 286 -25.20 1.75 2.42
N ALA A 287 -24.23 1.89 3.32
CA ALA A 287 -22.83 1.88 2.90
C ALA A 287 -22.45 0.56 2.22
N HIS A 288 -22.94 -0.57 2.73
CA HIS A 288 -22.54 -1.85 2.18
C HIS A 288 -23.16 -2.12 0.81
N ASP A 289 -24.30 -1.49 0.51
CA ASP A 289 -24.86 -1.56 -0.83
C ASP A 289 -23.93 -0.92 -1.85
N LEU A 290 -23.40 0.27 -1.53
CA LEU A 290 -22.55 0.98 -2.47
C LEU A 290 -21.26 0.22 -2.74
N ILE A 291 -20.68 -0.38 -1.71
CA ILE A 291 -19.35 -0.96 -1.82
C ILE A 291 -19.40 -2.31 -2.52
N LYS A 292 -20.49 -3.06 -2.36
CA LYS A 292 -20.63 -4.33 -3.06
C LYS A 292 -20.71 -4.13 -4.57
N LEU A 293 -21.28 -3.03 -5.04
CA LEU A 293 -21.42 -2.77 -6.46
C LEU A 293 -20.22 -2.06 -7.08
N GLU A 294 -19.19 -1.74 -6.29
CA GLU A 294 -18.03 -1.02 -6.82
C GLU A 294 -17.37 -1.80 -7.95
N ASP A 295 -17.47 -3.13 -7.89
CA ASP A 295 -16.92 -4.02 -8.90
C ASP A 295 -17.29 -3.61 -10.32
N LYS A 296 -18.57 -3.27 -10.54
CA LYS A 296 -19.11 -3.14 -11.88
C LYS A 296 -19.31 -1.67 -12.29
N VAL A 297 -18.50 -0.76 -11.75
CA VAL A 297 -18.63 0.64 -12.10
C VAL A 297 -17.84 0.97 -13.36
N LEU A 298 -16.65 0.39 -13.53
CA LEU A 298 -15.85 0.64 -14.71
C LEU A 298 -16.59 0.26 -15.99
N THR A 299 -16.35 1.03 -17.04
CA THR A 299 -16.87 0.76 -18.38
C THR A 299 -15.94 -0.19 -19.13
N PRO A 300 -16.38 -0.73 -20.27
CA PRO A 300 -15.44 -1.48 -21.11
C PRO A 300 -14.23 -0.66 -21.55
N GLU A 301 -14.46 0.56 -22.05
CA GLU A 301 -13.37 1.42 -22.51
C GLU A 301 -12.36 1.69 -21.41
N GLU A 302 -12.82 1.78 -20.15
CA GLU A 302 -11.88 1.96 -19.05
C GLU A 302 -11.14 0.66 -18.74
N HIS A 303 -11.79 -0.49 -18.93
CA HIS A 303 -11.12 -1.77 -18.66
C HIS A 303 -9.97 -2.00 -19.64
N VAL A 304 -10.22 -1.82 -20.94
CA VAL A 304 -9.16 -2.03 -21.93
C VAL A 304 -8.05 -1.00 -21.76
N ASN A 305 -8.37 0.20 -21.28
CA ASN A 305 -7.37 1.21 -20.99
C ASN A 305 -6.58 0.93 -19.71
N LYS A 306 -6.85 -0.20 -19.05
CA LYS A 306 -6.13 -0.62 -17.83
C LYS A 306 -6.32 0.35 -16.68
N VAL A 307 -7.58 0.72 -16.42
CA VAL A 307 -7.96 1.40 -15.18
C VAL A 307 -8.38 0.33 -14.19
N MET A 308 -7.64 0.22 -13.08
CA MET A 308 -7.81 -0.91 -12.17
C MET A 308 -9.02 -0.75 -11.25
N PHE A 309 -9.29 0.47 -10.77
CA PHE A 309 -10.32 0.65 -9.75
C PHE A 309 -11.20 1.84 -10.09
N ALA A 310 -12.49 1.70 -9.81
CA ALA A 310 -13.43 2.78 -10.08
C ALA A 310 -13.13 4.00 -9.21
N PHE A 311 -12.86 3.80 -7.93
CA PHE A 311 -12.63 4.90 -7.01
C PHE A 311 -11.28 4.72 -6.33
N GLY A 312 -10.57 5.83 -6.19
CA GLY A 312 -9.22 5.84 -5.73
C GLY A 312 -8.71 7.26 -5.74
N PRO A 313 -7.40 7.45 -5.57
CA PRO A 313 -6.85 8.80 -5.61
C PRO A 313 -7.13 9.49 -6.95
N THR A 314 -7.24 10.83 -6.90
CA THR A 314 -7.55 11.60 -8.09
C THR A 314 -6.90 12.97 -8.01
N VAL A 315 -6.74 13.61 -9.17
CA VAL A 315 -6.40 15.04 -9.19
C VAL A 315 -7.66 15.81 -8.81
N GLU A 316 -7.60 16.56 -7.72
CA GLU A 316 -8.78 17.24 -7.24
C GLU A 316 -9.15 18.40 -8.18
N PRO A 317 -10.43 18.58 -8.50
CA PRO A 317 -10.81 19.53 -9.54
C PRO A 317 -10.84 20.98 -9.09
N TYR A 318 -10.76 21.25 -7.78
CA TYR A 318 -10.66 22.60 -7.25
C TYR A 318 -9.92 22.55 -5.92
N GLN A 319 -9.47 23.70 -5.46
CA GLN A 319 -8.66 23.79 -4.26
C GLN A 319 -9.52 23.95 -3.01
N THR A 320 -9.18 23.20 -1.97
CA THR A 320 -9.74 23.37 -0.64
C THR A 320 -8.59 23.46 0.35
N ALA A 321 -8.94 23.81 1.59
CA ALA A 321 -7.95 23.87 2.67
C ALA A 321 -7.24 22.53 2.89
N ASP A 322 -7.92 21.40 2.66
CA ASP A 322 -7.37 20.08 2.97
C ASP A 322 -6.88 19.32 1.74
N CYS A 323 -6.95 19.95 0.57
CA CYS A 323 -6.56 19.32 -0.69
C CYS A 323 -5.21 18.62 -0.59
N VAL A 324 -5.16 17.36 -1.03
CA VAL A 324 -3.94 16.58 -1.01
C VAL A 324 -3.25 16.56 -2.37
N LEU A 325 -4.00 16.41 -3.46
CA LEU A 325 -3.40 16.33 -4.79
C LEU A 325 -3.95 17.44 -5.67
N PRO A 326 -3.28 18.60 -5.72
CA PRO A 326 -3.76 19.70 -6.58
C PRO A 326 -3.34 19.56 -8.03
N LYS A 327 -2.32 18.75 -8.31
CA LYS A 327 -1.81 18.49 -9.64
C LYS A 327 -1.51 17.00 -9.75
N HIS A 328 -1.20 16.56 -10.96
CA HIS A 328 -0.86 15.16 -11.16
C HIS A 328 0.43 14.83 -10.41
N PRO A 329 0.56 13.61 -9.86
CA PRO A 329 1.80 13.27 -9.11
C PRO A 329 3.07 13.44 -9.92
N ARG A 330 3.01 13.21 -11.24
CA ARG A 330 4.14 13.54 -12.10
C ARG A 330 4.64 14.96 -11.86
N GLU A 331 3.72 15.92 -11.74
CA GLU A 331 4.15 17.31 -11.52
C GLU A 331 4.53 17.56 -10.08
N MET A 332 3.77 17.00 -9.13
CA MET A 332 4.07 17.20 -7.71
C MET A 332 5.47 16.74 -7.35
N VAL A 333 5.98 15.68 -8.00
CA VAL A 333 7.32 15.19 -7.68
C VAL A 333 8.38 16.27 -7.88
N LYS A 334 8.13 17.22 -8.79
CA LYS A 334 9.18 18.18 -9.15
C LYS A 334 9.49 19.17 -8.02
N THR A 335 8.57 19.38 -7.07
CA THR A 335 8.79 20.27 -5.94
C THR A 335 8.47 19.61 -4.60
N ALA A 336 8.32 18.28 -4.57
CA ALA A 336 7.91 17.61 -3.34
C ALA A 336 8.92 17.80 -2.22
N TRP A 337 8.41 18.16 -1.02
CA TRP A 337 9.26 18.25 0.17
C TRP A 337 9.95 16.92 0.49
N GLY A 338 9.28 15.80 0.21
CA GLY A 338 9.82 14.49 0.51
C GLY A 338 11.04 14.10 -0.29
N ASN A 339 11.36 14.81 -1.38
CA ASN A 339 12.60 14.54 -2.09
C ASN A 339 13.84 14.77 -1.23
N SER A 340 13.69 15.47 -0.09
CA SER A 340 14.82 15.80 0.76
C SER A 340 14.97 14.90 1.97
N ILE A 341 14.25 13.78 2.03
CA ILE A 341 14.43 12.84 3.13
C ILE A 341 14.96 11.51 2.61
N PRO A 342 15.70 10.75 3.41
CA PRO A 342 16.19 9.44 2.96
C PRO A 342 15.04 8.56 2.50
N THR A 343 15.28 7.81 1.42
CA THR A 343 14.26 7.02 0.76
C THR A 343 14.82 5.65 0.38
N MET A 344 14.02 4.61 0.61
CA MET A 344 14.34 3.26 0.14
C MET A 344 13.15 2.74 -0.65
N MET A 345 13.42 2.13 -1.81
CA MET A 345 12.38 1.51 -2.60
C MET A 345 12.83 0.13 -3.05
N GLY A 346 11.85 -0.68 -3.44
CA GLY A 346 12.14 -2.04 -3.86
C GLY A 346 10.89 -2.72 -4.37
N ASN A 347 11.10 -3.89 -4.98
CA ASN A 347 10.06 -4.80 -5.42
C ASN A 347 10.48 -6.24 -5.12
N THR A 348 9.56 -7.17 -5.35
CA THR A 348 9.91 -8.59 -5.30
C THR A 348 10.44 -9.02 -6.67
N SER A 349 10.96 -10.25 -6.72
CA SER A 349 11.58 -10.75 -7.94
C SER A 349 10.59 -11.36 -8.92
N TYR A 350 9.33 -11.54 -8.55
CA TYR A 350 8.34 -11.98 -9.51
C TYR A 350 7.01 -11.33 -9.15
N GLU A 351 6.96 -9.99 -9.24
CA GLU A 351 5.79 -9.23 -8.81
C GLU A 351 4.52 -9.71 -9.50
N GLY A 352 4.57 -9.92 -10.81
CA GLY A 352 3.40 -10.25 -11.60
C GLY A 352 2.69 -11.53 -11.18
N LEU A 353 3.28 -12.33 -10.30
CA LEU A 353 2.61 -13.56 -9.84
C LEU A 353 1.25 -13.27 -9.22
N LEU A 354 1.00 -12.02 -8.82
CA LEU A 354 -0.29 -11.63 -8.25
C LEU A 354 -1.46 -11.85 -9.23
N PHE A 355 -1.17 -11.95 -10.52
CA PHE A 355 -2.21 -12.06 -11.54
C PHE A 355 -2.42 -13.48 -12.05
N THR A 356 -1.96 -14.50 -11.32
CA THR A 356 -2.07 -15.87 -11.82
C THR A 356 -3.51 -16.36 -12.01
N PRO A 357 -4.50 -16.06 -11.13
CA PRO A 357 -5.86 -16.55 -11.39
C PRO A 357 -6.57 -15.76 -12.49
N ILE A 358 -6.20 -14.49 -12.65
CA ILE A 358 -6.80 -13.67 -13.69
C ILE A 358 -6.56 -14.28 -15.06
N VAL A 359 -5.33 -14.73 -15.31
CA VAL A 359 -4.99 -15.33 -16.59
C VAL A 359 -5.34 -16.82 -16.63
N LYS A 360 -5.52 -17.46 -15.48
CA LYS A 360 -6.05 -18.83 -15.46
C LYS A 360 -7.54 -18.85 -15.75
N GLN A 361 -8.29 -17.91 -15.20
CA GLN A 361 -9.73 -17.86 -15.40
C GLN A 361 -10.07 -17.56 -16.85
N MET A 362 -9.62 -16.40 -17.35
CA MET A 362 -9.83 -16.00 -18.73
C MET A 362 -8.55 -16.18 -19.52
N PRO A 363 -8.33 -17.34 -20.17
CA PRO A 363 -7.16 -17.48 -21.05
C PRO A 363 -7.26 -16.62 -22.29
N ALA A 364 -8.43 -16.05 -22.58
CA ALA A 364 -8.53 -15.07 -23.65
C ALA A 364 -7.66 -13.85 -23.38
N LEU A 365 -7.26 -13.63 -22.13
CA LEU A 365 -6.34 -12.54 -21.82
C LEU A 365 -5.01 -12.70 -22.54
N LEU A 366 -4.62 -13.94 -22.86
CA LEU A 366 -3.32 -14.17 -23.49
C LEU A 366 -3.26 -13.67 -24.92
N LYS A 367 -4.41 -13.48 -25.58
CA LYS A 367 -4.41 -12.91 -26.93
C LYS A 367 -3.90 -11.48 -26.92
N GLU A 368 -4.07 -10.76 -25.80
CA GLU A 368 -3.61 -9.39 -25.70
C GLU A 368 -2.10 -9.26 -25.95
N LEU A 369 -1.36 -10.37 -25.86
CA LEU A 369 0.07 -10.38 -26.10
C LEU A 369 0.42 -10.64 -27.55
N GLU A 370 -0.57 -10.73 -28.43
CA GLU A 370 -0.29 -10.85 -29.86
C GLU A 370 0.22 -9.54 -30.42
N THR A 371 -0.45 -8.43 -30.09
CA THR A 371 -0.02 -7.09 -30.44
C THR A 371 0.55 -6.31 -29.27
N CYS A 372 0.10 -6.61 -28.05
CA CYS A 372 0.43 -5.83 -26.85
C CYS A 372 -0.06 -4.39 -26.96
N ALA A 373 -1.04 -4.12 -27.83
CA ALA A 373 -1.55 -2.76 -27.96
C ALA A 373 -2.10 -2.23 -26.65
N ASN A 374 -2.79 -3.09 -25.89
CA ASN A 374 -3.48 -2.67 -24.67
C ASN A 374 -2.53 -2.40 -23.51
N PHE A 375 -1.25 -2.71 -23.64
CA PHE A 375 -0.28 -2.37 -22.61
C PHE A 375 0.55 -1.14 -22.93
N VAL A 376 0.44 -0.61 -24.16
CA VAL A 376 1.06 0.68 -24.45
C VAL A 376 0.51 1.71 -23.47
N PRO A 377 1.35 2.46 -22.76
CA PRO A 377 0.84 3.47 -21.83
C PRO A 377 -0.11 4.43 -22.52
N THR A 378 -1.10 4.92 -21.77
CA THR A 378 -2.21 5.64 -22.39
C THR A 378 -1.74 6.95 -23.03
N GLU A 379 -0.75 7.61 -22.44
CA GLU A 379 -0.34 8.92 -22.94
C GLU A 379 0.36 8.80 -24.30
N LEU A 380 0.85 7.62 -24.66
CA LEU A 380 1.49 7.40 -25.94
C LEU A 380 0.56 6.80 -26.99
N ALA A 381 -0.66 6.45 -26.61
CA ALA A 381 -1.57 5.73 -27.49
C ALA A 381 -2.67 6.67 -28.01
N ASP A 382 -3.18 6.34 -29.19
CA ASP A 382 -4.34 7.03 -29.72
C ASP A 382 -5.61 6.52 -29.02
N SER A 383 -6.75 7.09 -29.38
CA SER A 383 -7.99 6.82 -28.66
C SER A 383 -8.39 5.35 -28.76
N GLU A 384 -8.31 4.77 -29.96
CA GLU A 384 -8.78 3.40 -30.17
C GLU A 384 -7.66 2.37 -30.17
N ARG A 385 -6.42 2.78 -29.86
CA ARG A 385 -5.28 1.86 -29.78
C ARG A 385 -5.07 1.08 -31.07
N SER A 386 -5.29 1.73 -32.21
CA SER A 386 -5.17 1.07 -33.50
C SER A 386 -4.29 1.80 -34.50
N SER A 387 -3.75 2.97 -34.16
CA SER A 387 -2.84 3.66 -35.05
C SER A 387 -1.51 2.93 -35.11
N ALA A 388 -0.89 2.96 -36.31
CA ALA A 388 0.30 2.15 -36.55
C ALA A 388 1.42 2.46 -35.57
N GLU A 389 1.51 3.71 -35.08
CA GLU A 389 2.54 4.03 -34.10
C GLU A 389 2.31 3.24 -32.81
N THR A 390 1.06 3.12 -32.38
CA THR A 390 0.80 2.37 -31.14
C THR A 390 1.03 0.88 -31.32
N LEU A 391 0.81 0.33 -32.52
CA LEU A 391 1.16 -1.06 -32.76
C LEU A 391 2.67 -1.25 -32.80
N GLU A 392 3.42 -0.25 -33.27
CA GLU A 392 4.88 -0.35 -33.21
C GLU A 392 5.36 -0.32 -31.77
N LEU A 393 4.73 0.49 -30.92
CA LEU A 393 5.08 0.46 -29.51
C LEU A 393 4.76 -0.89 -28.90
N GLY A 394 3.62 -1.49 -29.24
CA GLY A 394 3.27 -2.78 -28.69
C GLY A 394 4.25 -3.87 -29.07
N ALA A 395 4.73 -3.84 -30.31
CA ALA A 395 5.74 -4.79 -30.75
C ALA A 395 7.01 -4.68 -29.90
N LYS A 396 7.35 -3.46 -29.48
CA LYS A 396 8.48 -3.28 -28.55
C LYS A 396 8.17 -3.93 -27.21
N ILE A 397 6.93 -3.82 -26.74
CA ILE A 397 6.54 -4.50 -25.50
C ILE A 397 6.56 -6.02 -25.69
N LYS A 398 6.09 -6.50 -26.85
CA LYS A 398 6.08 -7.94 -27.11
C LYS A 398 7.49 -8.49 -27.29
N LYS A 399 8.39 -7.72 -27.90
CA LYS A 399 9.78 -8.13 -28.01
C LYS A 399 10.41 -8.33 -26.63
N ALA A 400 10.03 -7.50 -25.66
CA ALA A 400 10.70 -7.52 -24.37
C ALA A 400 10.26 -8.69 -23.50
N HIS A 401 9.02 -9.16 -23.66
CA HIS A 401 8.43 -10.12 -22.74
C HIS A 401 7.98 -11.42 -23.38
N VAL A 402 7.65 -11.45 -24.67
CA VAL A 402 7.25 -12.70 -25.30
C VAL A 402 8.53 -13.44 -25.69
N THR A 403 8.81 -14.53 -24.99
CA THR A 403 10.08 -15.23 -25.14
C THR A 403 10.14 -15.99 -26.47
N GLY A 404 9.15 -16.84 -26.73
CA GLY A 404 9.14 -17.58 -27.97
C GLY A 404 8.39 -16.91 -29.09
N GLU A 405 7.71 -17.70 -29.92
CA GLU A 405 6.78 -17.18 -30.91
C GLU A 405 5.34 -17.23 -30.43
N THR A 406 5.04 -18.05 -29.44
CA THR A 406 3.70 -18.14 -28.87
C THR A 406 3.71 -17.57 -27.45
N PRO A 407 2.91 -16.56 -27.16
CA PRO A 407 2.88 -16.00 -25.80
C PRO A 407 2.45 -17.04 -24.78
N THR A 408 3.02 -16.94 -23.60
CA THR A 408 2.69 -17.85 -22.50
C THR A 408 2.21 -17.06 -21.30
N ASN A 409 1.77 -17.81 -20.28
CA ASN A 409 1.29 -17.20 -19.05
C ASN A 409 2.43 -16.51 -18.31
N ASP A 410 3.61 -17.16 -18.22
CA ASP A 410 4.75 -16.54 -17.54
C ASP A 410 5.16 -15.24 -18.24
N ASN A 411 5.10 -15.22 -19.59
CA ASN A 411 5.33 -13.98 -20.33
C ASN A 411 4.38 -12.88 -19.86
N PHE A 412 3.08 -13.21 -19.77
CA PHE A 412 2.08 -12.23 -19.32
C PHE A 412 2.39 -11.71 -17.93
N LEU A 413 2.73 -12.62 -17.00
CA LEU A 413 3.02 -12.20 -15.63
C LEU A 413 4.27 -11.34 -15.56
N ASP A 414 5.33 -11.73 -16.30
CA ASP A 414 6.55 -10.92 -16.35
C ASP A 414 6.25 -9.52 -16.86
N LEU A 415 5.40 -9.41 -17.88
CA LEU A 415 5.02 -8.10 -18.38
C LEU A 415 4.29 -7.32 -17.29
N CYS A 416 3.43 -7.99 -16.53
CA CYS A 416 2.72 -7.30 -15.46
C CYS A 416 3.69 -6.72 -14.44
N SER A 417 4.71 -7.49 -14.07
CA SER A 417 5.73 -7.00 -13.13
C SER A 417 6.26 -5.63 -13.54
N HIS A 418 6.52 -5.46 -14.84
CA HIS A 418 7.12 -4.23 -15.33
C HIS A 418 6.09 -3.12 -15.53
N PHE A 419 4.91 -3.46 -16.09
CA PHE A 419 3.90 -2.45 -16.37
C PHE A 419 3.38 -1.82 -15.09
N TYR A 420 3.24 -2.60 -14.04
CA TYR A 420 2.58 -2.14 -12.82
C TYR A 420 3.55 -1.72 -11.74
N PHE A 421 4.81 -2.14 -11.80
CA PHE A 421 5.72 -1.91 -10.69
C PHE A 421 7.11 -1.44 -11.11
N TRP A 422 7.82 -2.22 -11.94
CA TRP A 422 9.22 -1.87 -12.17
C TRP A 422 9.35 -0.59 -13.01
N PHE A 423 8.57 -0.46 -14.08
CA PHE A 423 8.70 0.72 -14.92
C PHE A 423 8.30 2.02 -14.20
N PRO A 424 7.19 2.07 -13.45
CA PRO A 424 6.91 3.31 -12.71
C PRO A 424 7.95 3.62 -11.65
N MET A 425 8.60 2.61 -11.06
CA MET A 425 9.75 2.87 -10.19
C MET A 425 10.86 3.57 -10.96
N HIS A 426 11.25 3.01 -12.11
CA HIS A 426 12.27 3.63 -12.95
C HIS A 426 11.89 5.06 -13.32
N ARG A 427 10.64 5.29 -13.74
CA ARG A 427 10.22 6.63 -14.14
C ARG A 427 10.33 7.60 -12.99
N LEU A 428 9.95 7.17 -11.79
CA LEU A 428 10.03 8.02 -10.61
C LEU A 428 11.48 8.41 -10.34
N LEU A 429 12.38 7.43 -10.36
CA LEU A 429 13.78 7.73 -10.04
C LEU A 429 14.37 8.75 -11.01
N GLN A 430 14.05 8.61 -12.30
CA GLN A 430 14.64 9.47 -13.31
C GLN A 430 14.05 10.88 -13.27
N ILE A 431 12.74 11.01 -12.99
CA ILE A 431 12.16 12.35 -12.96
C ILE A 431 12.66 13.11 -11.73
N ARG A 432 13.04 12.40 -10.67
CA ARG A 432 13.71 13.03 -9.54
C ARG A 432 15.05 13.60 -9.97
N PHE A 433 15.87 12.79 -10.61
CA PHE A 433 17.18 13.26 -11.08
C PHE A 433 17.05 14.45 -12.02
N LYS A 434 16.03 14.45 -12.88
CA LYS A 434 15.95 15.49 -13.91
C LYS A 434 15.52 16.83 -13.32
N HIS A 435 14.69 16.81 -12.29
CA HIS A 435 14.05 18.03 -11.81
C HIS A 435 14.32 18.36 -10.35
N THR A 436 15.10 17.56 -9.63
CA THR A 436 15.25 17.79 -8.20
C THR A 436 16.69 17.57 -7.75
N SER A 437 17.01 18.16 -6.61
CA SER A 437 18.22 17.86 -5.86
C SER A 437 18.01 16.75 -4.85
N GLY A 438 17.13 15.80 -5.16
CA GLY A 438 16.68 14.84 -4.17
C GLY A 438 17.80 13.93 -3.71
N THR A 439 17.65 13.40 -2.51
CA THR A 439 18.71 12.62 -1.91
C THR A 439 18.78 11.24 -2.58
N PRO A 440 19.96 10.64 -2.67
CA PRO A 440 20.07 9.32 -3.30
C PRO A 440 19.21 8.29 -2.58
N VAL A 441 18.65 7.38 -3.39
CA VAL A 441 17.65 6.39 -2.99
C VAL A 441 18.32 5.03 -2.91
N TYR A 442 17.95 4.23 -1.91
CA TYR A 442 18.44 2.86 -1.78
C TYR A 442 17.43 1.87 -2.33
N LEU A 443 17.92 0.86 -3.06
CA LEU A 443 17.09 -0.14 -3.71
C LEU A 443 17.35 -1.51 -3.08
N TYR A 444 16.28 -2.24 -2.77
CA TYR A 444 16.33 -3.66 -2.42
C TYR A 444 15.50 -4.46 -3.40
N ARG A 445 15.77 -5.76 -3.44
CA ARG A 445 15.00 -6.68 -4.27
C ARG A 445 14.70 -7.91 -3.42
N PHE A 446 13.44 -8.07 -3.03
CA PHE A 446 13.09 -9.19 -2.18
C PHE A 446 12.93 -10.44 -3.02
N ASP A 447 13.78 -11.44 -2.74
CA ASP A 447 13.93 -12.64 -3.56
C ASP A 447 14.18 -13.86 -2.66
N PHE A 448 13.43 -13.96 -1.57
CA PHE A 448 13.46 -15.13 -0.69
C PHE A 448 12.14 -15.89 -0.87
N ASP A 449 12.23 -17.11 -1.39
CA ASP A 449 11.04 -17.91 -1.68
C ASP A 449 10.92 -19.02 -0.66
N SER A 450 9.79 -19.07 0.05
CA SER A 450 9.49 -20.18 0.93
C SER A 450 7.98 -20.26 1.09
N GLU A 451 7.49 -21.45 1.43
CA GLU A 451 6.10 -21.64 1.83
C GLU A 451 5.97 -22.20 3.23
N GLU A 452 7.06 -22.28 3.99
CA GLU A 452 6.97 -22.75 5.36
C GLU A 452 6.09 -21.85 6.19
N ILE A 453 6.14 -20.55 5.91
CA ILE A 453 5.29 -19.55 6.51
C ILE A 453 4.79 -18.71 5.35
N ILE A 454 3.52 -18.30 5.42
CA ILE A 454 2.91 -17.51 4.34
C ILE A 454 2.11 -16.36 4.94
N ASN A 455 1.43 -15.61 4.08
CA ASN A 455 0.49 -14.61 4.56
C ASN A 455 -0.78 -14.68 3.73
N PRO A 456 -1.88 -14.10 4.23
CA PRO A 456 -3.19 -14.31 3.57
C PRO A 456 -3.24 -13.90 2.12
N TYR A 457 -2.39 -12.98 1.66
CA TYR A 457 -2.42 -12.60 0.26
C TYR A 457 -2.10 -13.78 -0.66
N ARG A 458 -1.40 -14.80 -0.15
CA ARG A 458 -1.16 -16.02 -0.93
C ARG A 458 -2.46 -16.71 -1.29
N ILE A 459 -3.41 -16.79 -0.34
CA ILE A 459 -4.74 -17.34 -0.63
C ILE A 459 -5.36 -16.62 -1.83
N MET A 460 -5.31 -15.28 -1.81
CA MET A 460 -6.01 -14.49 -2.82
C MET A 460 -5.51 -14.80 -4.23
N ARG A 461 -4.19 -14.96 -4.40
CA ARG A 461 -3.61 -15.21 -5.72
C ARG A 461 -3.46 -16.70 -6.05
N HIS A 462 -4.07 -17.60 -5.27
CA HIS A 462 -3.96 -19.05 -5.49
C HIS A 462 -2.50 -19.47 -5.55
N GLY A 463 -1.72 -18.99 -4.58
CA GLY A 463 -0.28 -19.19 -4.58
C GLY A 463 0.18 -20.46 -3.91
N ARG A 464 -0.75 -21.28 -3.43
CA ARG A 464 -0.40 -22.53 -2.75
C ARG A 464 0.26 -23.47 -3.75
N GLY A 465 1.51 -23.85 -3.47
CA GLY A 465 2.31 -24.67 -4.34
C GLY A 465 3.04 -23.92 -5.44
N VAL A 466 2.83 -22.62 -5.56
CA VAL A 466 3.35 -21.84 -6.68
C VAL A 466 4.74 -21.32 -6.33
N LYS A 467 5.72 -21.58 -7.21
CA LYS A 467 7.07 -21.09 -6.99
C LYS A 467 7.23 -19.67 -7.54
N GLY A 468 8.02 -18.88 -6.82
CA GLY A 468 8.27 -17.51 -7.22
C GLY A 468 7.92 -16.57 -6.10
N VAL A 469 8.54 -15.40 -6.07
CA VAL A 469 8.41 -14.45 -4.98
C VAL A 469 7.45 -13.36 -5.46
N SER A 470 6.18 -13.52 -5.11
CA SER A 470 5.10 -12.70 -5.62
C SER A 470 5.01 -11.38 -4.86
N HIS A 471 4.37 -10.40 -5.50
CA HIS A 471 3.89 -9.18 -4.85
C HIS A 471 3.31 -9.51 -3.47
N ALA A 472 3.82 -8.84 -2.44
CA ALA A 472 3.39 -8.93 -1.03
C ALA A 472 3.88 -10.18 -0.30
N ASP A 473 4.71 -11.01 -0.91
CA ASP A 473 5.29 -12.13 -0.17
C ASP A 473 6.26 -11.69 0.91
N GLU A 474 6.86 -10.50 0.80
CA GLU A 474 7.81 -10.05 1.80
C GLU A 474 7.16 -9.62 3.10
N LEU A 475 5.87 -9.27 3.08
CA LEU A 475 5.17 -8.89 4.31
C LEU A 475 5.24 -10.01 5.35
N THR A 476 5.30 -11.27 4.90
CA THR A 476 5.42 -12.41 5.80
C THR A 476 6.61 -12.28 6.74
N TYR A 477 7.66 -11.60 6.28
CA TYR A 477 8.94 -11.50 6.99
C TYR A 477 9.10 -10.19 7.74
N LEU A 478 8.08 -9.34 7.73
CA LEU A 478 8.04 -8.14 8.56
C LEU A 478 6.90 -8.14 9.57
N PHE A 479 5.81 -8.83 9.28
CA PHE A 479 4.61 -8.82 10.10
C PHE A 479 4.19 -10.24 10.46
N TRP A 480 3.74 -10.41 11.70
CA TRP A 480 3.02 -11.61 12.09
C TRP A 480 1.62 -11.58 11.50
N ASN A 481 1.04 -12.76 11.28
CA ASN A 481 -0.31 -12.86 10.75
C ASN A 481 -0.88 -14.20 11.18
N ALA A 482 -2.16 -14.41 10.91
CA ALA A 482 -2.83 -15.58 11.49
C ALA A 482 -2.32 -16.89 10.89
N LEU A 483 -1.69 -16.85 9.71
CA LEU A 483 -1.18 -18.07 9.11
C LEU A 483 0.24 -18.40 9.57
N ALA A 484 0.87 -17.53 10.37
CA ALA A 484 2.27 -17.73 10.73
C ALA A 484 2.39 -18.78 11.84
N ARG A 486 5.65 -20.24 14.96
CA ARG A 486 7.00 -20.09 15.48
C ARG A 486 7.93 -20.91 14.60
N LEU A 487 9.14 -20.39 14.34
CA LEU A 487 10.12 -21.04 13.48
C LEU A 487 11.40 -21.32 14.25
N PRO A 488 12.13 -22.39 13.92
CA PRO A 488 13.42 -22.63 14.59
C PRO A 488 14.37 -21.48 14.29
N LYS A 489 15.21 -21.18 15.28
CA LYS A 489 16.04 -19.99 15.21
C LYS A 489 17.08 -20.06 14.09
N GLU A 490 17.56 -21.26 13.75
CA GLU A 490 18.57 -21.37 12.70
C GLU A 490 17.99 -21.58 11.30
N SER A 491 16.68 -21.42 11.13
CA SER A 491 16.07 -21.74 9.84
C SER A 491 16.16 -20.54 8.89
N ARG A 492 16.05 -20.84 7.58
CA ARG A 492 16.18 -19.80 6.57
C ARG A 492 15.07 -18.76 6.70
N GLU A 493 13.86 -19.20 7.05
CA GLU A 493 12.75 -18.26 7.18
C GLU A 493 12.98 -17.30 8.36
N TYR A 494 13.47 -17.82 9.48
CA TYR A 494 13.70 -17.02 10.68
C TYR A 494 14.80 -15.98 10.43
N LYS A 495 15.91 -16.40 9.82
CA LYS A 495 16.96 -15.44 9.49
C LYS A 495 16.46 -14.34 8.56
N THR A 496 15.57 -14.69 7.62
CA THR A 496 15.03 -13.66 6.74
C THR A 496 14.18 -12.66 7.53
N ILE A 497 13.44 -13.11 8.55
CA ILE A 497 12.69 -12.18 9.39
C ILE A 497 13.63 -11.19 10.05
N GLU A 498 14.66 -11.71 10.71
CA GLU A 498 15.62 -10.86 11.41
C GLU A 498 16.34 -9.92 10.47
N ARG A 499 16.60 -10.37 9.23
CA ARG A 499 17.28 -9.51 8.27
C ARG A 499 16.35 -8.37 7.82
N MET A 500 15.11 -8.70 7.48
CA MET A 500 14.18 -7.69 7.01
C MET A 500 13.86 -6.69 8.13
N VAL A 501 13.49 -7.19 9.31
CA VAL A 501 13.20 -6.27 10.42
C VAL A 501 14.45 -5.48 10.76
N GLY A 502 15.62 -6.09 10.64
CA GLY A 502 16.85 -5.37 10.93
C GLY A 502 17.09 -4.24 9.94
N ILE A 503 16.88 -4.52 8.65
CA ILE A 503 17.15 -3.50 7.64
C ILE A 503 16.13 -2.37 7.72
N TRP A 504 14.86 -2.72 7.90
CA TRP A 504 13.83 -1.70 8.00
C TRP A 504 14.05 -0.82 9.23
N THR A 505 14.39 -1.44 10.37
CA THR A 505 14.62 -0.69 11.60
C THR A 505 15.90 0.13 11.54
N GLN A 506 16.94 -0.43 10.92
CA GLN A 506 18.18 0.32 10.72
C GLN A 506 17.93 1.55 9.83
N PHE A 507 17.17 1.38 8.76
CA PHE A 507 16.88 2.51 7.90
C PHE A 507 16.04 3.55 8.64
N ALA A 508 15.07 3.10 9.44
CA ALA A 508 14.26 4.04 10.21
C ALA A 508 15.12 4.83 11.18
N THR A 509 16.10 4.17 11.79
CA THR A 509 16.95 4.82 12.78
C THR A 509 17.82 5.89 12.15
N THR A 510 18.56 5.53 11.11
CA THR A 510 19.62 6.39 10.62
C THR A 510 19.43 6.95 9.21
N GLY A 511 18.40 6.54 8.48
CA GLY A 511 18.33 6.92 7.09
C GLY A 511 19.24 6.14 6.16
N ASN A 512 20.02 5.19 6.69
CA ASN A 512 20.88 4.32 5.89
C ASN A 512 20.55 2.87 6.23
N PRO A 513 20.13 2.06 5.26
CA PRO A 513 19.68 0.70 5.58
C PRO A 513 20.80 -0.29 5.81
N TYR A 514 22.06 0.10 5.61
CA TYR A 514 23.16 -0.83 5.84
C TYR A 514 23.58 -0.84 7.31
N SER A 515 23.90 -2.04 7.80
CA SER A 515 24.58 -2.20 9.08
C SER A 515 25.33 -3.52 9.04
N ASN A 516 26.60 -3.51 9.43
CA ASN A 516 27.39 -4.74 9.45
C ASN A 516 26.96 -5.69 10.56
N GLU A 517 26.25 -5.19 11.56
CA GLU A 517 25.65 -5.95 12.64
C GLU A 517 24.43 -6.77 12.19
N ILE A 518 24.10 -6.81 10.89
CA ILE A 518 23.02 -7.66 10.39
C ILE A 518 23.64 -8.87 9.73
N ASP A 519 23.13 -10.05 10.07
CA ASP A 519 23.73 -11.29 9.59
C ASP A 519 23.65 -11.36 8.06
N GLY A 520 24.80 -11.40 7.41
CA GLY A 520 24.89 -11.49 5.97
C GLY A 520 25.37 -10.24 5.27
N LEU A 521 25.53 -9.13 5.99
CA LEU A 521 25.91 -7.85 5.38
C LEU A 521 27.35 -7.43 5.71
N GLU A 522 28.12 -8.30 6.37
CA GLU A 522 29.41 -7.89 6.93
C GLU A 522 30.35 -7.36 5.86
N ASN A 523 30.59 -8.15 4.82
CA ASN A 523 31.54 -7.79 3.77
C ASN A 523 30.85 -7.16 2.56
N ILE A 524 29.74 -6.46 2.79
CA ILE A 524 28.93 -5.89 1.71
C ILE A 524 28.98 -4.38 1.81
N ILE A 525 28.91 -3.73 0.65
CA ILE A 525 28.83 -2.28 0.53
C ILE A 525 27.59 -1.97 -0.30
N TRP A 526 26.65 -1.23 0.28
CA TRP A 526 25.32 -1.02 -0.28
C TRP A 526 25.15 0.47 -0.55
N ASP A 527 25.41 0.88 -1.82
CA ASP A 527 25.35 2.29 -2.20
C ASP A 527 23.97 2.66 -2.74
N PRO A 528 23.55 3.90 -2.55
CA PRO A 528 22.31 4.37 -3.19
C PRO A 528 22.53 4.63 -4.68
N ILE A 529 21.43 4.95 -5.36
CA ILE A 529 21.46 5.14 -6.81
C ILE A 529 22.00 6.53 -7.13
N LYS A 530 22.77 6.64 -8.22
CA LYS A 530 23.32 7.90 -8.69
C LYS A 530 22.65 8.33 -9.99
N LYS A 531 22.66 9.65 -10.22
CA LYS A 531 22.10 10.22 -11.45
C LYS A 531 22.65 9.52 -12.69
N SER A 532 23.96 9.29 -12.73
CA SER A 532 24.64 8.77 -13.90
C SER A 532 24.53 7.26 -14.06
N ASP A 533 24.02 6.55 -13.05
CA ASP A 533 23.81 5.11 -13.17
C ASP A 533 22.95 4.78 -14.37
N GLU A 534 23.45 3.94 -15.27
CA GLU A 534 22.63 3.44 -16.37
C GLU A 534 22.09 2.05 -16.08
N VAL A 535 22.66 1.34 -15.11
CA VAL A 535 22.13 0.08 -14.61
C VAL A 535 22.08 0.20 -13.08
N TYR A 536 20.91 -0.08 -12.51
CA TYR A 536 20.72 0.02 -11.07
C TYR A 536 21.35 -1.15 -10.33
N LYS A 537 21.98 -0.85 -9.20
CA LYS A 537 22.38 -1.88 -8.25
C LYS A 537 21.38 -1.91 -7.11
N CYS A 538 21.21 -3.09 -6.52
CA CYS A 538 20.24 -3.28 -5.44
C CYS A 538 20.82 -4.30 -4.47
N LEU A 539 20.23 -4.38 -3.29
CA LEU A 539 20.48 -5.50 -2.39
C LEU A 539 19.45 -6.58 -2.73
N ASN A 540 19.92 -7.70 -3.27
CA ASN A 540 19.05 -8.83 -3.54
C ASN A 540 18.96 -9.67 -2.26
N ILE A 541 17.77 -9.70 -1.66
CA ILE A 541 17.56 -10.42 -0.40
C ILE A 541 17.06 -11.80 -0.77
N SER A 542 17.96 -12.78 -0.70
CA SER A 542 17.60 -14.19 -0.84
C SER A 542 18.16 -14.92 0.39
N ASP A 543 18.37 -16.23 0.26
CA ASP A 543 19.06 -16.97 1.32
C ASP A 543 20.38 -16.31 1.67
N GLU A 544 21.02 -15.70 0.69
CA GLU A 544 22.23 -14.92 0.85
C GLU A 544 21.91 -13.47 0.50
N LEU A 545 22.63 -12.55 1.12
CA LEU A 545 22.49 -11.12 0.84
C LEU A 545 23.59 -10.70 -0.10
N LYS A 546 23.21 -10.17 -1.27
CA LYS A 546 24.19 -9.83 -2.30
C LYS A 546 23.76 -8.56 -3.01
N ILE A 547 24.75 -7.73 -3.36
CA ILE A 547 24.51 -6.54 -4.16
C ILE A 547 24.68 -6.92 -5.63
N ILE A 548 23.65 -6.67 -6.43
CA ILE A 548 23.66 -7.12 -7.81
C ILE A 548 23.07 -6.04 -8.72
N ASP A 549 23.50 -6.07 -9.98
CA ASP A 549 22.77 -5.35 -11.03
C ASP A 549 21.32 -5.82 -11.04
N VAL A 550 20.38 -4.88 -11.07
CA VAL A 550 18.96 -5.24 -11.09
C VAL A 550 18.69 -6.12 -12.31
N PRO A 551 18.23 -7.36 -12.13
CA PRO A 551 18.04 -8.24 -13.30
C PRO A 551 16.95 -7.73 -14.25
N GLU A 552 15.97 -6.97 -13.74
CA GLU A 552 14.95 -6.33 -14.56
C GLU A 552 15.46 -5.18 -15.43
N MET A 553 16.74 -4.79 -15.32
CA MET A 553 17.23 -3.55 -15.92
C MET A 553 17.11 -3.55 -17.44
N GLU A 554 17.33 -4.68 -18.09
CA GLU A 554 17.31 -4.72 -19.55
C GLU A 554 15.89 -4.55 -20.08
N ILE A 556 13.54 -2.91 -18.39
CA ILE A 556 13.18 -1.55 -18.02
C ILE A 556 13.64 -0.58 -19.11
N LYS A 557 14.85 -0.83 -19.63
CA LYS A 557 15.36 0.03 -20.68
C LYS A 557 14.50 -0.06 -21.93
N GLN A 558 13.93 -1.24 -22.20
CA GLN A 558 13.06 -1.38 -23.36
C GLN A 558 11.73 -0.65 -23.18
N TRP A 559 11.20 -0.60 -21.95
CA TRP A 559 9.99 0.18 -21.71
C TRP A 559 10.25 1.67 -21.88
N GLU A 560 11.42 2.14 -21.45
CA GLU A 560 11.82 3.52 -21.67
C GLU A 560 11.93 3.86 -23.15
N SER A 561 12.32 2.90 -23.99
CA SER A 561 12.44 3.17 -25.42
C SER A 561 11.09 3.46 -26.06
N LEU A 562 9.99 3.16 -25.36
CA LEU A 562 8.68 3.53 -25.87
C LEU A 562 8.47 5.04 -25.93
N TYR A 563 9.36 5.82 -25.30
CA TYR A 563 9.21 7.26 -25.17
C TYR A 563 10.20 8.05 -26.02
N GLU A 564 11.00 7.40 -26.86
CA GLU A 564 12.06 8.16 -27.51
C GLU A 564 11.55 9.12 -28.58
N ARG A 566 8.60 10.75 -27.85
CA ARG A 566 7.84 11.68 -27.00
C ARG A 566 8.55 11.82 -25.67
N LYS A 567 9.83 12.18 -25.71
CA LYS A 567 10.65 12.21 -24.50
C LYS A 567 10.11 13.19 -23.47
N ASP A 568 9.27 14.15 -23.88
CA ASP A 568 8.69 15.10 -22.96
C ASP A 568 7.68 14.47 -22.02
N LEU A 569 7.16 13.28 -22.36
CA LEU A 569 6.14 12.61 -21.55
C LEU A 569 6.72 11.57 -20.62
N PHE A 570 7.99 11.22 -20.77
CA PHE A 570 8.63 10.19 -19.98
C PHE A 570 8.74 10.58 -18.50
#